data_6T78
#
_entry.id   6T78
#
_cell.length_a   106.130
_cell.length_b   106.130
_cell.length_c   76.890
_cell.angle_alpha   90.000
_cell.angle_beta   90.000
_cell.angle_gamma   120.000
#
_symmetry.space_group_name_H-M   'P 61'
#
loop_
_entity.id
_entity.type
_entity.pdbx_description
1 polymer 'Transcription factor SOX-11'
2 polymer "DNA (5'-D(*TP*AP*TP*TP*GP*TP*TP*TP*AP*TP*TP*TP*TP*GP*TP*T)-3')"
3 polymer "DNA (5'-D(*AP*AP*CP*AP*AP*AP*AP*TP*AP*AP*AP*CP*AP*AP*TP*A)-3')"
4 water water
#
loop_
_entity_poly.entity_id
_entity_poly.type
_entity_poly.pdbx_seq_one_letter_code
_entity_poly.pdbx_strand_id
1 'polypeptide(L)'
;SNAALDESDPDWCKTASGHIKRPMNAFMVWSKIERRKIMEQSPDMHNAEISKRLGKRWKMLKDSEKIPFIREAERLRLKH
MADYPDYKYRPRKKPKMDPSAKPSASQSP
;
A,B
2 'polydeoxyribonucleotide' (DT)(DA)(DT)(DT)(DG)(DT)(DT)(DT)(DA)(DT)(DT)(DT)(DT)(DG)(DT)(DT) C,F
3 'polydeoxyribonucleotide' (DA)(DA)(DC)(DA)(DA)(DA)(DA)(DT)(DA)(DA)(DA)(DC)(DA)(DA)(DT)(DA) D,G
#
# COMPACT_ATOMS: atom_id res chain seq x y z
N SER A 17 -7.81 -12.86 -10.54
CA SER A 17 -9.08 -12.30 -10.98
C SER A 17 -9.17 -12.24 -12.50
N GLY A 18 -8.04 -12.45 -13.18
CA GLY A 18 -8.00 -12.46 -14.62
C GLY A 18 -7.52 -11.18 -15.25
N HIS A 19 -7.45 -10.08 -14.50
CA HIS A 19 -6.97 -8.83 -15.07
C HIS A 19 -5.47 -8.91 -15.29
N ILE A 20 -5.03 -8.45 -16.46
CA ILE A 20 -3.63 -8.50 -16.84
C ILE A 20 -3.03 -7.14 -16.59
N LYS A 21 -2.01 -7.08 -15.73
CA LYS A 21 -1.42 -5.84 -15.30
C LYS A 21 -0.48 -5.28 -16.36
N ARG A 22 -0.21 -3.96 -16.26
CA ARG A 22 0.75 -3.32 -17.14
C ARG A 22 2.17 -3.77 -16.79
N PRO A 23 3.05 -3.87 -17.77
CA PRO A 23 4.46 -4.10 -17.47
C PRO A 23 5.05 -2.92 -16.71
N MET A 24 5.93 -3.21 -15.76
CA MET A 24 6.62 -2.15 -15.05
C MET A 24 7.60 -1.45 -15.99
N ASN A 25 7.54 -0.13 -16.04
CA ASN A 25 8.52 0.64 -16.79
C ASN A 25 9.82 0.73 -15.99
N ALA A 26 10.80 1.45 -16.55
CA ALA A 26 12.11 1.54 -15.91
C ALA A 26 12.01 2.18 -14.53
N PHE A 27 11.20 3.23 -14.40
CA PHE A 27 11.10 3.90 -13.11
C PHE A 27 10.51 2.97 -12.05
N MET A 28 9.53 2.14 -12.43
CA MET A 28 8.96 1.22 -11.46
C MET A 28 9.97 0.16 -11.05
N VAL A 29 10.72 -0.36 -12.02
CA VAL A 29 11.75 -1.35 -11.72
C VAL A 29 12.75 -0.79 -10.73
N TRP A 30 13.27 0.40 -11.01
CA TRP A 30 14.23 1.04 -10.13
C TRP A 30 13.59 1.38 -8.78
N SER A 31 12.33 1.84 -8.81
CA SER A 31 11.67 2.29 -7.59
C SER A 31 11.49 1.15 -6.61
N LYS A 32 11.20 -0.05 -7.11
CA LYS A 32 11.02 -1.19 -6.23
C LYS A 32 12.28 -1.41 -5.39
N ILE A 33 13.44 -1.49 -6.06
CA ILE A 33 14.70 -1.76 -5.38
C ILE A 33 15.04 -0.62 -4.43
N GLU A 34 14.93 0.63 -4.90
CA GLU A 34 15.35 1.76 -4.07
C GLU A 34 14.40 1.99 -2.90
N ARG A 35 13.09 1.77 -3.11
CA ARG A 35 12.13 1.84 -2.02
C ARG A 35 12.43 0.78 -0.98
N ARG A 36 12.81 -0.42 -1.42
CA ARG A 36 13.19 -1.46 -0.47
C ARG A 36 14.44 -1.05 0.32
N LYS A 37 15.40 -0.43 -0.36
CA LYS A 37 16.61 0.03 0.34
C LYS A 37 16.28 1.10 1.38
N ILE A 38 15.49 2.09 1.00
CA ILE A 38 15.10 3.14 1.94
C ILE A 38 14.32 2.56 3.11
N MET A 39 13.46 1.58 2.82
CA MET A 39 12.70 0.92 3.87
C MET A 39 13.63 0.20 4.84
N GLU A 40 14.65 -0.48 4.31
CA GLU A 40 15.58 -1.21 5.19
C GLU A 40 16.39 -0.25 6.05
N GLN A 41 16.94 0.80 5.44
CA GLN A 41 17.78 1.73 6.20
C GLN A 41 16.95 2.68 7.04
N SER A 42 15.86 3.22 6.49
CA SER A 42 15.03 4.22 7.16
C SER A 42 13.59 3.73 7.25
N PRO A 43 13.28 2.80 8.16
CA PRO A 43 11.89 2.37 8.33
C PRO A 43 11.04 3.47 8.94
N ASP A 44 9.78 3.17 9.24
CA ASP A 44 8.84 4.13 9.81
C ASP A 44 8.86 5.45 9.04
N MET A 45 8.87 5.36 7.72
CA MET A 45 8.92 6.51 6.84
C MET A 45 7.78 6.41 5.82
N HIS A 46 6.99 7.48 5.71
CA HIS A 46 5.73 7.43 4.97
C HIS A 46 5.97 7.27 3.47
N ASN A 47 5.06 6.56 2.81
CA ASN A 47 5.25 6.14 1.43
C ASN A 47 5.19 7.32 0.46
N ALA A 48 4.38 8.34 0.76
CA ALA A 48 4.29 9.51 -0.12
C ALA A 48 5.64 10.24 -0.19
N GLU A 49 6.26 10.46 0.98
CA GLU A 49 7.57 11.07 1.00
C GLU A 49 8.60 10.22 0.24
N ILE A 50 8.51 8.90 0.39
CA ILE A 50 9.43 8.02 -0.32
C ILE A 50 9.25 8.19 -1.83
N SER A 51 8.00 8.33 -2.29
CA SER A 51 7.78 8.52 -3.71
C SER A 51 8.30 9.86 -4.19
N LYS A 52 8.11 10.91 -3.39
CA LYS A 52 8.63 12.23 -3.76
C LYS A 52 10.14 12.19 -3.90
N ARG A 53 10.83 11.58 -2.93
CA ARG A 53 12.28 11.51 -2.96
C ARG A 53 12.77 10.62 -4.10
N LEU A 54 12.07 9.51 -4.36
CA LEU A 54 12.45 8.65 -5.47
C LEU A 54 12.29 9.37 -6.80
N GLY A 55 11.24 10.16 -6.96
CA GLY A 55 11.08 10.95 -8.16
C GLY A 55 12.22 11.94 -8.35
N LYS A 56 12.55 12.68 -7.29
CA LYS A 56 13.67 13.63 -7.38
C LYS A 56 14.97 12.93 -7.75
N ARG A 57 15.28 11.82 -7.06
CA ARG A 57 16.50 11.08 -7.35
C ARG A 57 16.54 10.59 -8.79
N TRP A 58 15.44 9.99 -9.25
CA TRP A 58 15.39 9.49 -10.62
C TRP A 58 15.61 10.63 -11.62
N LYS A 59 15.03 11.80 -11.35
CA LYS A 59 15.25 12.93 -12.23
C LYS A 59 16.71 13.37 -12.22
N MET A 60 17.41 13.18 -11.10
CA MET A 60 18.81 13.55 -11.07
C MET A 60 19.72 12.52 -11.74
N LEU A 61 19.28 11.27 -11.87
CA LEU A 61 20.14 10.22 -12.42
C LEU A 61 20.54 10.53 -13.85
N LYS A 62 21.82 10.30 -14.15
CA LYS A 62 22.28 10.38 -15.52
C LYS A 62 21.62 9.28 -16.36
N ASP A 63 21.43 9.57 -17.64
CA ASP A 63 20.78 8.61 -18.53
C ASP A 63 21.51 7.28 -18.54
N SER A 64 22.84 7.32 -18.57
CA SER A 64 23.63 6.10 -18.56
C SER A 64 23.40 5.28 -17.30
N GLU A 65 23.32 5.94 -16.14
CA GLU A 65 23.03 5.21 -14.91
C GLU A 65 21.70 4.46 -15.00
N LYS A 66 20.78 4.95 -15.83
CA LYS A 66 19.47 4.34 -15.95
C LYS A 66 19.46 3.15 -16.90
N ILE A 67 20.56 2.87 -17.60
CA ILE A 67 20.53 1.83 -18.63
C ILE A 67 20.10 0.48 -18.09
N PRO A 68 20.69 -0.07 -17.01
CA PRO A 68 20.29 -1.41 -16.57
C PRO A 68 18.80 -1.56 -16.30
N PHE A 69 18.17 -0.52 -15.74
CA PHE A 69 16.77 -0.61 -15.39
C PHE A 69 15.89 -0.53 -16.62
N ILE A 70 16.19 0.41 -17.52
CA ILE A 70 15.44 0.52 -18.77
C ILE A 70 15.41 -0.82 -19.48
N ARG A 71 16.59 -1.38 -19.75
CA ARG A 71 16.65 -2.69 -20.40
C ARG A 71 15.86 -3.72 -19.61
N GLU A 72 15.99 -3.69 -18.28
CA GLU A 72 15.26 -4.67 -17.47
C GLU A 72 13.76 -4.55 -17.74
N ALA A 73 13.23 -3.32 -17.75
CA ALA A 73 11.82 -3.15 -18.10
C ALA A 73 11.53 -3.77 -19.45
N GLU A 74 12.37 -3.49 -20.45
CA GLU A 74 12.16 -4.04 -21.77
C GLU A 74 12.11 -5.55 -21.72
N ARG A 75 13.03 -6.15 -20.94
CA ARG A 75 13.00 -7.60 -20.75
C ARG A 75 11.63 -8.04 -20.26
N LEU A 76 11.17 -7.42 -19.17
CA LEU A 76 9.84 -7.74 -18.64
C LEU A 76 8.77 -7.56 -19.72
N ARG A 77 8.87 -6.46 -20.49
CA ARG A 77 7.88 -6.22 -21.53
C ARG A 77 7.84 -7.40 -22.50
N LEU A 78 9.00 -7.87 -22.93
CA LEU A 78 9.05 -9.02 -23.82
C LEU A 78 8.33 -10.21 -23.19
N LYS A 79 8.62 -10.47 -21.91
CA LYS A 79 7.96 -11.58 -21.23
C LYS A 79 6.46 -11.36 -21.24
N HIS A 80 6.03 -10.12 -21.05
CA HIS A 80 4.61 -9.82 -21.07
C HIS A 80 4.00 -10.24 -22.40
N MET A 81 4.67 -9.88 -23.52
CA MET A 81 4.15 -10.27 -24.83
C MET A 81 4.08 -11.78 -24.96
N ALA A 82 5.05 -12.50 -24.40
CA ALA A 82 4.99 -13.95 -24.52
C ALA A 82 3.89 -14.54 -23.67
N ASP A 83 3.61 -13.92 -22.52
CA ASP A 83 2.63 -14.51 -21.60
C ASP A 83 1.23 -14.10 -21.99
N TYR A 84 1.07 -12.93 -22.58
CA TYR A 84 -0.22 -12.36 -22.92
C TYR A 84 -0.10 -11.75 -24.30
N PRO A 85 -0.04 -12.59 -25.33
CA PRO A 85 0.14 -12.07 -26.69
C PRO A 85 -1.06 -11.31 -27.21
N ASP A 86 -2.25 -11.63 -26.69
CA ASP A 86 -3.50 -10.98 -27.05
C ASP A 86 -3.83 -9.81 -26.12
N TYR A 87 -2.83 -9.18 -25.52
CA TYR A 87 -3.11 -8.17 -24.51
C TYR A 87 -2.97 -6.79 -25.09
N LYS A 88 -3.85 -5.89 -24.66
CA LYS A 88 -3.79 -4.50 -25.05
C LYS A 88 -4.18 -3.66 -23.84
N TYR A 89 -3.49 -2.55 -23.65
CA TYR A 89 -3.78 -1.69 -22.50
C TYR A 89 -5.14 -1.04 -22.67
N ARG A 90 -5.99 -1.14 -21.65
CA ARG A 90 -7.32 -0.54 -21.68
C ARG A 90 -7.61 0.24 -20.40
N PRO A 91 -7.25 1.52 -20.36
CA PRO A 91 -7.61 2.32 -19.19
C PRO A 91 -9.10 2.61 -19.19
N ARG A 92 -9.71 2.52 -18.01
CA ARG A 92 -11.14 2.75 -17.87
C ARG A 92 -11.40 3.68 -16.70
N LYS A 93 -12.45 4.48 -16.82
CA LYS A 93 -12.80 5.45 -15.78
C LYS A 93 -13.35 4.74 -14.54
N HIS B 19 10.34 3.17 16.59
CA HIS B 19 9.07 3.88 16.67
C HIS B 19 7.92 2.95 17.08
N ILE B 20 7.10 3.42 18.02
CA ILE B 20 6.00 2.64 18.56
C ILE B 20 4.70 3.07 17.89
N LYS B 21 4.01 2.13 17.27
CA LYS B 21 2.83 2.42 16.48
C LYS B 21 1.63 2.72 17.37
N ARG B 22 0.66 3.44 16.80
CA ARG B 22 -0.58 3.70 17.52
C ARG B 22 -1.45 2.45 17.56
N PRO B 23 -2.18 2.22 18.65
CA PRO B 23 -3.16 1.13 18.67
C PRO B 23 -4.26 1.40 17.66
N MET B 24 -4.72 0.34 17.01
CA MET B 24 -5.80 0.46 16.03
C MET B 24 -7.12 0.77 16.74
N ASN B 25 -7.81 1.82 16.28
CA ASN B 25 -9.13 2.10 16.80
C ASN B 25 -10.16 1.13 16.18
N ALA B 26 -11.43 1.30 16.56
CA ALA B 26 -12.45 0.35 16.13
C ALA B 26 -12.55 0.29 14.61
N PHE B 27 -12.49 1.44 13.95
CA PHE B 27 -12.60 1.45 12.49
C PHE B 27 -11.42 0.72 11.86
N MET B 28 -10.22 0.87 12.41
CA MET B 28 -9.06 0.18 11.84
C MET B 28 -9.16 -1.33 12.02
N VAL B 29 -9.61 -1.76 13.19
CA VAL B 29 -9.80 -3.19 13.45
C VAL B 29 -10.78 -3.78 12.45
N TRP B 30 -11.94 -3.14 12.29
CA TRP B 30 -12.92 -3.63 11.32
C TRP B 30 -12.40 -3.51 9.89
N SER B 31 -11.69 -2.42 9.59
CA SER B 31 -11.24 -2.14 8.24
C SER B 31 -10.23 -3.17 7.76
N LYS B 32 -9.38 -3.67 8.67
CA LYS B 32 -8.40 -4.68 8.27
C LYS B 32 -9.10 -5.89 7.65
N ILE B 33 -10.05 -6.46 8.39
CA ILE B 33 -10.76 -7.65 7.94
C ILE B 33 -11.58 -7.33 6.70
N GLU B 34 -12.30 -6.21 6.71
CA GLU B 34 -13.20 -5.91 5.60
C GLU B 34 -12.43 -5.60 4.33
N ARG B 35 -11.29 -4.93 4.45
CA ARG B 35 -10.42 -4.68 3.30
C ARG B 35 -9.89 -5.98 2.75
N ARG B 36 -9.52 -6.93 3.62
CA ARG B 36 -9.07 -8.22 3.13
C ARG B 36 -10.18 -8.93 2.36
N LYS B 37 -11.42 -8.84 2.86
CA LYS B 37 -12.55 -9.47 2.18
C LYS B 37 -12.79 -8.84 0.82
N ILE B 38 -12.79 -7.50 0.75
CA ILE B 38 -13.01 -6.82 -0.53
C ILE B 38 -11.90 -7.15 -1.51
N MET B 39 -10.65 -7.22 -1.05
CA MET B 39 -9.55 -7.59 -1.94
C MET B 39 -9.71 -9.00 -2.46
N GLU B 40 -10.10 -9.94 -1.60
CA GLU B 40 -10.28 -11.32 -2.05
C GLU B 40 -11.42 -11.43 -3.06
N GLN B 41 -12.53 -10.75 -2.79
CA GLN B 41 -13.70 -10.90 -3.64
C GLN B 41 -13.53 -10.19 -4.98
N SER B 42 -13.07 -8.94 -4.95
CA SER B 42 -12.93 -8.12 -6.15
C SER B 42 -11.51 -7.61 -6.22
N PRO B 43 -10.56 -8.46 -6.67
CA PRO B 43 -9.18 -8.01 -6.80
C PRO B 43 -9.02 -6.95 -7.88
N ASP B 44 -7.77 -6.55 -8.15
CA ASP B 44 -7.43 -5.49 -9.10
C ASP B 44 -8.37 -4.29 -8.91
N MET B 45 -8.60 -3.92 -7.66
CA MET B 45 -9.47 -2.81 -7.28
C MET B 45 -8.67 -1.87 -6.39
N HIS B 46 -8.66 -0.59 -6.77
CA HIS B 46 -7.72 0.36 -6.18
C HIS B 46 -8.05 0.66 -4.73
N ASN B 47 -7.00 0.90 -3.93
CA ASN B 47 -7.14 0.99 -2.49
C ASN B 47 -7.93 2.22 -2.07
N ALA B 48 -7.86 3.32 -2.83
CA ALA B 48 -8.62 4.51 -2.49
C ALA B 48 -10.11 4.24 -2.54
N GLU B 49 -10.57 3.60 -3.62
CA GLU B 49 -11.98 3.21 -3.72
C GLU B 49 -12.36 2.28 -2.57
N ILE B 50 -11.46 1.36 -2.20
CA ILE B 50 -11.73 0.45 -1.11
C ILE B 50 -11.94 1.22 0.19
N SER B 51 -11.11 2.24 0.44
CA SER B 51 -11.26 3.03 1.67
C SER B 51 -12.55 3.84 1.64
N LYS B 52 -12.90 4.41 0.48
CA LYS B 52 -14.17 5.15 0.40
C LYS B 52 -15.35 4.22 0.71
N ARG B 53 -15.32 3.01 0.15
CA ARG B 53 -16.40 2.06 0.41
C ARG B 53 -16.40 1.61 1.87
N LEU B 54 -15.21 1.45 2.46
CA LEU B 54 -15.14 1.08 3.88
C LEU B 54 -15.73 2.17 4.75
N GLY B 55 -15.46 3.45 4.41
CA GLY B 55 -16.07 4.53 5.16
C GLY B 55 -17.58 4.54 5.06
N LYS B 56 -18.10 4.39 3.83
CA LYS B 56 -19.56 4.34 3.63
C LYS B 56 -20.17 3.18 4.42
N ARG B 57 -19.58 2.00 4.27
CA ARG B 57 -20.08 0.80 4.94
C ARG B 57 -20.07 0.97 6.45
N TRP B 58 -18.96 1.46 7.00
CA TRP B 58 -18.87 1.68 8.44
C TRP B 58 -19.92 2.67 8.91
N LYS B 59 -20.16 3.73 8.12
CA LYS B 59 -21.20 4.69 8.49
C LYS B 59 -22.58 4.04 8.48
N MET B 60 -22.78 3.03 7.63
CA MET B 60 -24.08 2.36 7.61
C MET B 60 -24.26 1.38 8.77
N LEU B 61 -23.17 0.93 9.39
CA LEU B 61 -23.26 -0.07 10.45
C LEU B 61 -24.02 0.46 11.66
N LYS B 62 -24.92 -0.36 12.19
CA LYS B 62 -25.54 -0.05 13.46
C LYS B 62 -24.50 -0.09 14.58
N ASP B 63 -24.75 0.69 15.63
CA ASP B 63 -23.84 0.71 16.76
C ASP B 63 -23.62 -0.70 17.32
N SER B 64 -24.69 -1.48 17.44
CA SER B 64 -24.57 -2.84 17.96
C SER B 64 -23.61 -3.66 17.11
N GLU B 65 -23.73 -3.57 15.79
CA GLU B 65 -22.80 -4.27 14.91
C GLU B 65 -21.36 -3.83 15.10
N LYS B 66 -21.12 -2.62 15.62
CA LYS B 66 -19.75 -2.18 15.84
C LYS B 66 -19.17 -2.65 17.16
N ILE B 67 -19.98 -3.23 18.05
CA ILE B 67 -19.49 -3.54 19.40
C ILE B 67 -18.26 -4.44 19.39
N PRO B 68 -18.23 -5.57 18.65
CA PRO B 68 -17.05 -6.45 18.73
C PRO B 68 -15.74 -5.73 18.44
N PHE B 69 -15.75 -4.78 17.50
CA PHE B 69 -14.52 -4.09 17.14
C PHE B 69 -14.13 -3.05 18.17
N ILE B 70 -15.09 -2.24 18.64
CA ILE B 70 -14.81 -1.27 19.69
C ILE B 70 -14.14 -1.97 20.86
N ARG B 71 -14.76 -3.03 21.35
CA ARG B 71 -14.21 -3.82 22.45
C ARG B 71 -12.79 -4.23 22.14
N GLU B 72 -12.59 -4.77 20.93
CA GLU B 72 -11.26 -5.21 20.54
C GLU B 72 -10.26 -4.06 20.56
N ALA B 73 -10.65 -2.92 19.98
CA ALA B 73 -9.77 -1.76 20.01
C ALA B 73 -9.42 -1.41 21.45
N GLU B 74 -10.43 -1.38 22.33
CA GLU B 74 -10.15 -1.05 23.71
C GLU B 74 -9.14 -2.02 24.29
N ARG B 75 -9.33 -3.31 24.01
CA ARG B 75 -8.36 -4.31 24.43
C ARG B 75 -6.97 -3.91 23.95
N LEU B 76 -6.81 -3.70 22.64
CA LEU B 76 -5.52 -3.31 22.11
C LEU B 76 -5.03 -2.05 22.79
N ARG B 77 -5.91 -1.05 22.93
CA ARG B 77 -5.50 0.20 23.55
C ARG B 77 -5.01 -0.06 24.96
N LEU B 78 -5.77 -0.84 25.73
CA LEU B 78 -5.34 -1.16 27.09
C LEU B 78 -4.01 -1.88 27.06
N LYS B 79 -3.85 -2.84 26.14
CA LYS B 79 -2.59 -3.55 26.08
C LYS B 79 -1.44 -2.58 25.79
N HIS B 80 -1.68 -1.64 24.88
CA HIS B 80 -0.66 -0.62 24.59
C HIS B 80 -0.32 0.14 25.87
N MET B 81 -1.35 0.55 26.61
CA MET B 81 -1.13 1.26 27.86
C MET B 81 -0.32 0.41 28.83
N ALA B 82 -0.57 -0.90 28.82
CA ALA B 82 0.18 -1.78 29.70
C ALA B 82 1.61 -1.97 29.19
N ASP B 83 1.80 -1.96 27.87
CA ASP B 83 3.12 -2.29 27.33
C ASP B 83 4.03 -1.06 27.29
N TYR B 84 3.48 0.13 27.14
CA TYR B 84 4.28 1.35 26.97
C TYR B 84 3.76 2.45 27.87
N PRO B 85 3.87 2.30 29.19
CA PRO B 85 3.43 3.36 30.09
C PRO B 85 4.36 4.56 30.05
N ASP B 86 5.61 4.33 29.61
CA ASP B 86 6.63 5.36 29.46
C ASP B 86 6.62 6.01 28.08
N TYR B 87 5.53 5.86 27.33
CA TYR B 87 5.42 6.43 25.99
C TYR B 87 4.23 7.37 25.93
N LYS B 88 4.38 8.41 25.10
CA LYS B 88 3.32 9.38 24.87
C LYS B 88 3.25 9.67 23.38
N TYR B 89 2.04 9.83 22.87
CA TYR B 89 1.88 10.08 21.45
C TYR B 89 2.45 11.45 21.11
N ARG B 90 3.32 11.49 20.10
CA ARG B 90 3.97 12.72 19.65
C ARG B 90 3.83 12.81 18.14
N PRO B 91 2.77 13.47 17.66
CA PRO B 91 2.54 13.55 16.21
C PRO B 91 3.56 14.41 15.48
N ARG B 92 3.93 13.95 14.29
CA ARG B 92 4.85 14.66 13.40
C ARG B 92 6.30 14.34 13.71
#